data_7K2D
#
_entry.id   7K2D
#
_cell.length_a   77.938
_cell.length_b   68.853
_cell.length_c   143.905
_cell.angle_alpha   90.00
_cell.angle_beta   91.12
_cell.angle_gamma   90.00
#
_symmetry.space_group_name_H-M   'I 1 2 1'
#
loop_
_entity.id
_entity.type
_entity.pdbx_description
1 polymer 'Kelch-like ECH-associated protein 1'
2 polymer 'Nrf2 linear peptide, Ace-GDEETGE-NH2'
3 water water
#
loop_
_entity_poly.entity_id
_entity_poly.type
_entity_poly.pdbx_seq_one_letter_code
_entity_poly.pdbx_strand_id
1 'polypeptide(L)'
;VGRLIYTAGGYFRQSLSYLEAYNPSDGTWLRLADLQVPRSGLAGCVVGGLLYAVGGRNNSPDGNTDSSALDCYNPMTNQW
SPCAPMSVPRNRIGVGVIDGHIYAVGGSHGCIHHNSVERYEPERDEWHLVAPMLTRRIGVGVAVLNRLLYAVGGFDGTNR
LNSAECYYPERNEWRMITAMNTIRSGAGVCVLHNCIYAAGGYDGQDQLNSVERYDVETETWTFVAPMKHRRSALGITVHQ
GRIYVLGGYDGHTFLDSVECYDPDTDTWSEVTRMTSGRSGVGVAVTMEPSRKQIDQQNSTS
;
A,B
2 'polypeptide(L)' (ACE)GDEETGE(NH2) P
#
# COMPACT_ATOMS: atom_id res chain seq x y z
N LEU A 4 -0.03 33.08 -14.37
CA LEU A 4 -1.29 32.81 -13.66
C LEU A 4 -1.54 31.34 -13.34
N ILE A 5 -2.23 31.11 -12.22
CA ILE A 5 -2.63 29.78 -11.80
C ILE A 5 -4.08 29.58 -12.22
N TYR A 6 -4.30 28.65 -13.14
CA TYR A 6 -5.63 28.39 -13.68
C TYR A 6 -6.24 27.18 -12.97
N THR A 7 -7.50 27.31 -12.53
CA THR A 7 -8.25 26.21 -11.95
C THR A 7 -9.50 25.95 -12.79
N ALA A 8 -9.69 24.72 -13.23
CA ALA A 8 -10.81 24.39 -14.09
C ALA A 8 -11.66 23.32 -13.44
N GLY A 9 -12.98 23.51 -13.50
CA GLY A 9 -13.89 22.48 -13.02
C GLY A 9 -13.98 22.46 -11.51
N GLY A 10 -14.30 21.27 -10.99
CA GLY A 10 -14.38 21.01 -9.57
C GLY A 10 -15.77 20.59 -9.17
N TYR A 11 -15.95 20.40 -7.87
CA TYR A 11 -17.23 19.90 -7.35
C TYR A 11 -17.63 20.66 -6.10
N PHE A 12 -18.85 21.18 -6.09
CA PHE A 12 -19.51 21.64 -4.87
C PHE A 12 -21.00 21.43 -5.09
N ARG A 13 -21.56 20.41 -4.45
CA ARG A 13 -22.95 19.99 -4.63
C ARG A 13 -23.25 19.47 -6.03
N GLN A 14 -22.56 19.97 -7.04
CA GLN A 14 -22.56 19.37 -8.36
C GLN A 14 -21.27 19.76 -9.04
N SER A 15 -20.97 19.12 -10.17
CA SER A 15 -19.79 19.47 -10.95
C SER A 15 -19.90 20.90 -11.46
N LEU A 16 -18.75 21.53 -11.68
CA LEU A 16 -18.71 22.95 -11.96
C LEU A 16 -18.09 23.20 -13.33
N SER A 17 -18.34 24.39 -13.87
CA SER A 17 -17.81 24.80 -15.16
C SER A 17 -16.73 25.85 -15.05
N TYR A 18 -16.44 26.35 -13.85
CA TYR A 18 -15.58 27.52 -13.68
C TYR A 18 -14.20 27.30 -14.27
N LEU A 19 -13.73 28.31 -15.00
CA LEU A 19 -12.32 28.50 -15.26
C LEU A 19 -11.92 29.82 -14.64
N GLU A 20 -11.04 29.78 -13.64
CA GLU A 20 -10.56 30.99 -12.98
C GLU A 20 -9.03 30.93 -12.86
N ALA A 21 -8.43 32.11 -12.83
CA ALA A 21 -6.98 32.22 -12.93
C ALA A 21 -6.52 33.21 -11.87
N TYR A 22 -5.63 32.76 -11.00
CA TYR A 22 -5.16 33.51 -9.84
C TYR A 22 -3.83 34.17 -10.17
N ASN A 23 -3.70 35.42 -9.77
CA ASN A 23 -2.46 36.17 -9.97
C ASN A 23 -1.78 36.28 -8.62
N PRO A 24 -0.66 35.57 -8.37
CA PRO A 24 -0.09 35.59 -7.01
C PRO A 24 0.50 36.93 -6.60
N SER A 25 0.78 37.84 -7.56
CA SER A 25 1.22 39.19 -7.23
C SER A 25 0.04 40.12 -6.95
N ASP A 26 -0.92 40.16 -7.88
CA ASP A 26 -2.13 40.99 -7.81
C ASP A 26 -3.03 40.59 -6.66
N GLY A 27 -3.09 39.29 -6.37
CA GLY A 27 -4.10 38.70 -5.52
C GLY A 27 -5.41 38.36 -6.20
N THR A 28 -5.62 38.77 -7.45
CA THR A 28 -6.93 38.69 -8.11
C THR A 28 -7.23 37.27 -8.63
N TRP A 29 -8.51 36.95 -8.71
CA TRP A 29 -9.03 35.85 -9.51
C TRP A 29 -9.71 36.40 -10.76
N LEU A 30 -9.30 35.92 -11.92
CA LEU A 30 -9.92 36.26 -13.20
C LEU A 30 -10.95 35.20 -13.59
N ARG A 31 -12.17 35.62 -13.88
CA ARG A 31 -13.19 34.71 -14.38
C ARG A 31 -13.08 34.61 -15.91
N LEU A 32 -12.83 33.41 -16.43
CA LEU A 32 -12.59 33.21 -17.86
C LEU A 32 -13.70 32.34 -18.45
N ALA A 33 -13.54 31.92 -19.70
CA ALA A 33 -14.61 31.17 -20.35
C ALA A 33 -14.91 29.86 -19.60
N ASP A 34 -16.20 29.56 -19.42
CA ASP A 34 -16.64 28.34 -18.76
C ASP A 34 -16.24 27.11 -19.57
N LEU A 35 -15.98 26.00 -18.88
CA LEU A 35 -15.86 24.73 -19.58
C LEU A 35 -17.14 24.44 -20.36
N GLN A 36 -16.99 23.79 -21.51
CA GLN A 36 -18.16 23.41 -22.29
C GLN A 36 -19.10 22.52 -21.46
N VAL A 37 -18.54 21.59 -20.68
CA VAL A 37 -19.30 20.68 -19.84
C VAL A 37 -18.82 20.80 -18.41
N PRO A 38 -19.69 20.94 -17.41
CA PRO A 38 -19.24 20.86 -16.02
C PRO A 38 -18.54 19.54 -15.75
N ARG A 39 -17.40 19.61 -15.07
CA ARG A 39 -16.58 18.42 -14.78
C ARG A 39 -15.89 18.55 -13.43
N SER A 40 -15.90 17.47 -12.66
CA SER A 40 -15.11 17.31 -11.45
C SER A 40 -14.24 16.06 -11.61
N GLY A 41 -13.18 15.95 -10.81
CA GLY A 41 -12.32 14.79 -10.89
C GLY A 41 -11.43 14.76 -12.11
N LEU A 42 -11.29 15.91 -12.77
CA LEU A 42 -10.46 16.06 -13.96
C LEU A 42 -9.04 16.44 -13.55
N ALA A 43 -8.16 16.53 -14.54
CA ALA A 43 -6.81 17.03 -14.37
C ALA A 43 -6.54 18.12 -15.39
N GLY A 44 -5.62 19.00 -15.04
CA GLY A 44 -5.15 20.04 -15.94
C GLY A 44 -3.67 19.88 -16.23
N CYS A 45 -3.25 20.42 -17.36
CA CYS A 45 -1.84 20.52 -17.71
C CYS A 45 -1.73 21.49 -18.87
N VAL A 46 -0.49 21.80 -19.23
CA VAL A 46 -0.19 22.82 -20.20
C VAL A 46 0.86 22.26 -21.16
N VAL A 47 0.58 22.29 -22.46
CA VAL A 47 1.57 21.98 -23.48
C VAL A 47 1.52 23.10 -24.50
N GLY A 48 2.69 23.65 -24.83
CA GLY A 48 2.75 24.70 -25.84
C GLY A 48 1.94 25.92 -25.47
N GLY A 49 1.85 26.24 -24.18
CA GLY A 49 1.07 27.37 -23.74
C GLY A 49 -0.43 27.17 -23.74
N LEU A 50 -0.93 26.06 -24.28
CA LEU A 50 -2.37 25.77 -24.20
C LEU A 50 -2.68 24.99 -22.93
N LEU A 51 -3.81 25.31 -22.30
CA LEU A 51 -4.27 24.66 -21.08
C LEU A 51 -5.28 23.54 -21.43
N TYR A 52 -4.95 22.31 -21.05
CA TYR A 52 -5.80 21.16 -21.32
C TYR A 52 -6.55 20.70 -20.06
N ALA A 53 -7.83 20.42 -20.21
CA ALA A 53 -8.67 19.79 -19.19
C ALA A 53 -8.95 18.35 -19.58
N VAL A 54 -8.53 17.38 -18.75
CA VAL A 54 -8.54 15.96 -19.12
C VAL A 54 -9.44 15.15 -18.18
N GLY A 55 -10.40 14.44 -18.75
CA GLY A 55 -11.18 13.44 -18.00
C GLY A 55 -12.21 14.04 -17.06
N GLY A 56 -12.44 13.34 -15.95
CA GLY A 56 -13.40 13.81 -14.95
C GLY A 56 -14.78 13.19 -15.06
N ARG A 57 -15.80 13.92 -14.60
CA ARG A 57 -17.14 13.37 -14.50
C ARG A 57 -18.11 14.53 -14.38
N ASN A 58 -19.23 14.43 -15.08
CA ASN A 58 -20.28 15.45 -14.98
C ASN A 58 -21.33 14.95 -13.97
N ASN A 59 -21.37 15.58 -12.79
CA ASN A 59 -22.41 15.35 -11.78
C ASN A 59 -23.43 16.47 -11.87
N SER A 60 -24.60 16.17 -12.40
CA SER A 60 -25.63 17.17 -12.59
C SER A 60 -26.92 16.67 -11.97
N PRO A 61 -27.86 17.59 -11.65
CA PRO A 61 -29.17 17.14 -11.16
C PRO A 61 -29.91 16.26 -12.16
N ASP A 62 -29.44 16.13 -13.40
CA ASP A 62 -30.07 15.33 -14.43
C ASP A 62 -29.26 14.10 -14.84
N GLY A 63 -28.10 13.87 -14.25
CA GLY A 63 -27.29 12.75 -14.70
C GLY A 63 -25.94 12.72 -14.01
N ASN A 64 -25.23 11.62 -14.26
CA ASN A 64 -23.92 11.35 -13.67
C ASN A 64 -23.16 10.52 -14.70
N THR A 65 -22.32 11.19 -15.50
CA THR A 65 -21.54 10.49 -16.51
C THR A 65 -20.07 10.83 -16.37
N ASP A 66 -19.23 9.80 -16.33
CA ASP A 66 -17.79 10.01 -16.43
C ASP A 66 -17.44 10.52 -17.82
N SER A 67 -16.26 11.13 -17.94
CA SER A 67 -15.84 11.82 -19.15
C SER A 67 -14.54 11.25 -19.68
N SER A 68 -14.49 11.02 -20.99
CA SER A 68 -13.25 10.76 -21.72
C SER A 68 -12.72 12.00 -22.42
N ALA A 69 -13.33 13.14 -22.19
CA ALA A 69 -13.10 14.32 -23.03
C ALA A 69 -11.75 14.96 -22.74
N LEU A 70 -11.15 15.46 -23.80
CA LEU A 70 -9.98 16.32 -23.73
C LEU A 70 -10.38 17.63 -24.40
N ASP A 71 -10.14 18.73 -23.70
CA ASP A 71 -10.53 20.06 -24.15
C ASP A 71 -9.38 21.01 -23.93
N CYS A 72 -9.26 21.99 -24.82
CA CYS A 72 -8.08 22.83 -24.88
C CYS A 72 -8.49 24.29 -24.77
N TYR A 73 -7.82 25.03 -23.89
CA TYR A 73 -8.13 26.45 -23.66
C TYR A 73 -6.95 27.30 -24.08
N ASN A 74 -7.22 28.35 -24.84
CA ASN A 74 -6.20 29.26 -25.35
C ASN A 74 -6.29 30.58 -24.60
N PRO A 75 -5.28 30.95 -23.82
CA PRO A 75 -5.35 32.25 -23.11
C PRO A 75 -5.36 33.45 -24.05
N MET A 76 -4.90 33.30 -25.30
CA MET A 76 -4.88 34.43 -26.23
C MET A 76 -6.23 34.70 -26.86
N THR A 77 -7.12 33.73 -26.89
CA THR A 77 -8.46 33.96 -27.40
C THR A 77 -9.53 33.86 -26.32
N ASN A 78 -9.17 33.36 -25.13
CA ASN A 78 -10.13 33.06 -24.07
C ASN A 78 -11.24 32.14 -24.59
N GLN A 79 -10.85 31.13 -25.35
CA GLN A 79 -11.80 30.20 -25.94
C GLN A 79 -11.39 28.76 -25.71
N TRP A 80 -12.36 27.91 -25.38
CA TRP A 80 -12.16 26.46 -25.34
C TRP A 80 -12.46 25.87 -26.70
N SER A 81 -11.73 24.81 -27.05
CA SER A 81 -12.09 24.01 -28.19
C SER A 81 -11.83 22.54 -27.87
N PRO A 82 -12.70 21.64 -28.31
CA PRO A 82 -12.51 20.22 -27.97
C PRO A 82 -11.34 19.62 -28.72
N CYS A 83 -10.84 18.52 -28.17
CA CYS A 83 -9.80 17.69 -28.75
C CYS A 83 -10.36 16.28 -28.94
N ALA A 84 -9.60 15.41 -29.60
CA ALA A 84 -10.01 14.02 -29.67
C ALA A 84 -10.09 13.44 -28.25
N PRO A 85 -11.07 12.59 -27.97
CA PRO A 85 -11.19 12.01 -26.62
C PRO A 85 -10.30 10.80 -26.42
N MET A 86 -10.10 10.46 -25.14
CA MET A 86 -9.43 9.24 -24.75
C MET A 86 -10.27 8.02 -25.10
N SER A 87 -9.64 6.85 -25.00
CA SER A 87 -10.35 5.62 -25.32
C SER A 87 -11.45 5.30 -24.30
N VAL A 88 -11.28 5.70 -23.04
CA VAL A 88 -12.28 5.42 -21.99
C VAL A 88 -12.46 6.66 -21.14
N PRO A 89 -13.65 6.80 -20.54
CA PRO A 89 -13.83 7.82 -19.51
C PRO A 89 -12.95 7.56 -18.29
N ARG A 90 -12.47 8.64 -17.67
CA ARG A 90 -11.51 8.53 -16.57
C ARG A 90 -11.83 9.61 -15.55
N ASN A 91 -12.68 9.24 -14.58
CA ASN A 91 -12.95 10.11 -13.46
C ASN A 91 -11.83 9.96 -12.43
N ARG A 92 -11.47 11.06 -11.77
CA ARG A 92 -10.39 11.07 -10.77
C ARG A 92 -9.10 10.57 -11.40
N ILE A 93 -8.79 11.18 -12.55
CA ILE A 93 -7.63 10.87 -13.37
C ILE A 93 -6.40 11.57 -12.81
N GLY A 94 -5.22 11.09 -13.18
CA GLY A 94 -3.99 11.86 -13.07
C GLY A 94 -3.32 11.93 -14.44
N VAL A 95 -2.64 13.05 -14.70
CA VAL A 95 -1.98 13.26 -15.98
C VAL A 95 -0.58 13.79 -15.77
N GLY A 96 0.26 13.67 -16.79
CA GLY A 96 1.58 14.24 -16.78
C GLY A 96 2.09 14.39 -18.19
N VAL A 97 3.08 15.27 -18.36
CA VAL A 97 3.53 15.68 -19.68
C VAL A 97 5.00 15.29 -19.86
N ILE A 98 5.30 14.61 -20.96
CA ILE A 98 6.67 14.28 -21.33
C ILE A 98 6.81 14.57 -22.81
N ASP A 99 7.84 15.32 -23.20
CA ASP A 99 8.14 15.52 -24.61
C ASP A 99 6.96 16.12 -25.36
N GLY A 100 6.23 17.04 -24.74
CA GLY A 100 5.06 17.60 -25.38
C GLY A 100 3.89 16.66 -25.58
N HIS A 101 3.92 15.47 -24.97
CA HIS A 101 2.82 14.52 -25.01
C HIS A 101 2.14 14.41 -23.63
N ILE A 102 0.82 14.25 -23.64
CA ILE A 102 0.00 14.16 -22.42
C ILE A 102 -0.28 12.69 -22.11
N TYR A 103 0.11 12.25 -20.92
CA TYR A 103 -0.16 10.90 -20.47
C TYR A 103 -1.33 10.94 -19.50
N ALA A 104 -2.38 10.19 -19.82
CA ALA A 104 -3.56 10.05 -18.99
C ALA A 104 -3.48 8.71 -18.25
N VAL A 105 -3.57 8.76 -16.92
CA VAL A 105 -3.22 7.63 -16.06
C VAL A 105 -4.42 7.28 -15.18
N GLY A 106 -4.87 6.04 -15.26
CA GLY A 106 -5.73 5.50 -14.23
C GLY A 106 -7.14 6.08 -14.31
N GLY A 107 -7.75 6.26 -13.15
CA GLY A 107 -9.10 6.78 -13.06
C GLY A 107 -10.14 5.68 -13.09
N SER A 108 -11.39 6.06 -12.91
CA SER A 108 -12.46 5.10 -12.95
C SER A 108 -13.49 5.48 -14.00
N HIS A 109 -14.23 4.46 -14.42
CA HIS A 109 -15.40 4.59 -15.29
C HIS A 109 -16.45 3.68 -14.67
N GLY A 110 -17.41 4.28 -13.97
CA GLY A 110 -18.37 3.44 -13.27
C GLY A 110 -17.63 2.63 -12.22
N CYS A 111 -17.90 1.32 -12.20
CA CYS A 111 -17.19 0.45 -11.27
C CYS A 111 -15.85 -0.03 -11.81
N ILE A 112 -15.47 0.36 -13.02
CA ILE A 112 -14.19 -0.06 -13.58
C ILE A 112 -13.10 0.86 -13.04
N HIS A 113 -12.05 0.28 -12.46
CA HIS A 113 -10.91 1.02 -11.94
C HIS A 113 -9.72 0.76 -12.87
N HIS A 114 -9.31 1.78 -13.60
CA HIS A 114 -8.35 1.57 -14.66
C HIS A 114 -6.94 1.35 -14.11
N ASN A 115 -6.23 0.42 -14.71
CA ASN A 115 -4.78 0.44 -14.70
C ASN A 115 -4.22 0.92 -16.03
N SER A 116 -5.08 1.14 -17.01
CA SER A 116 -4.65 1.53 -18.33
C SER A 116 -4.14 2.97 -18.33
N VAL A 117 -3.32 3.26 -19.34
CA VAL A 117 -2.61 4.51 -19.51
C VAL A 117 -2.59 4.79 -21.01
N GLU A 118 -2.80 6.05 -21.40
CA GLU A 118 -2.74 6.38 -22.82
C GLU A 118 -2.08 7.73 -23.01
N ARG A 119 -1.58 7.93 -24.22
CA ARG A 119 -0.71 9.05 -24.56
C ARG A 119 -1.34 9.88 -25.65
N TYR A 120 -1.38 11.19 -25.46
CA TYR A 120 -1.96 12.09 -26.44
C TYR A 120 -0.86 12.91 -27.10
N GLU A 121 -0.95 13.04 -28.43
CA GLU A 121 0.01 13.80 -29.22
C GLU A 121 -0.69 15.01 -29.82
N PRO A 122 -0.40 16.21 -29.32
CA PRO A 122 -1.14 17.39 -29.77
C PRO A 122 -1.02 17.67 -31.26
N GLU A 123 0.12 17.40 -31.86
CA GLU A 123 0.28 17.76 -33.27
C GLU A 123 -0.45 16.83 -34.22
N ARG A 124 -0.99 15.71 -33.75
CA ARG A 124 -1.83 14.88 -34.61
C ARG A 124 -3.24 14.76 -34.08
N ASP A 125 -3.56 15.37 -32.94
CA ASP A 125 -4.82 15.15 -32.23
C ASP A 125 -5.20 13.67 -32.15
N GLU A 126 -4.28 12.85 -31.63
CA GLU A 126 -4.47 11.41 -31.51
C GLU A 126 -4.10 10.89 -30.13
N TRP A 127 -4.88 9.95 -29.64
CA TRP A 127 -4.56 9.19 -28.45
C TRP A 127 -4.14 7.78 -28.87
N HIS A 128 -3.15 7.24 -28.18
CA HIS A 128 -2.77 5.84 -28.32
C HIS A 128 -2.53 5.23 -26.95
N LEU A 129 -3.00 4.00 -26.77
CA LEU A 129 -2.80 3.28 -25.53
C LEU A 129 -1.34 2.87 -25.36
N VAL A 130 -0.84 2.94 -24.13
CA VAL A 130 0.49 2.44 -23.82
C VAL A 130 0.41 1.31 -22.80
N ALA A 131 1.56 0.86 -22.31
CA ALA A 131 1.59 -0.24 -21.35
C ALA A 131 0.76 0.09 -20.10
N PRO A 132 -0.09 -0.81 -19.64
CA PRO A 132 -0.88 -0.53 -18.44
C PRO A 132 -0.01 -0.57 -17.20
N MET A 133 -0.46 0.14 -16.16
CA MET A 133 0.21 0.14 -14.88
C MET A 133 0.18 -1.24 -14.26
N LEU A 134 1.00 -1.40 -13.23
CA LEU A 134 1.00 -2.60 -12.42
C LEU A 134 -0.22 -2.67 -11.52
N THR A 135 -0.87 -1.53 -11.27
CA THR A 135 -1.92 -1.40 -10.28
C THR A 135 -3.09 -0.60 -10.84
N ARG A 136 -4.30 -0.96 -10.44
CA ARG A 136 -5.47 -0.13 -10.73
C ARG A 136 -5.46 1.05 -9.76
N ARG A 137 -5.48 2.28 -10.29
CA ARG A 137 -5.36 3.47 -9.45
C ARG A 137 -6.38 4.51 -9.88
N ILE A 138 -7.35 4.77 -9.02
CA ILE A 138 -8.16 5.97 -9.16
C ILE A 138 -7.77 6.92 -8.04
N GLY A 139 -7.98 8.22 -8.28
CA GLY A 139 -7.45 9.22 -7.37
C GLY A 139 -5.94 9.19 -7.30
N VAL A 140 -5.29 8.90 -8.41
CA VAL A 140 -3.84 8.71 -8.50
C VAL A 140 -3.17 10.06 -8.75
N GLY A 141 -2.08 10.34 -8.05
CA GLY A 141 -1.27 11.52 -8.34
C GLY A 141 -0.19 11.18 -9.35
N VAL A 142 0.10 12.13 -10.25
CA VAL A 142 1.03 11.90 -11.35
C VAL A 142 2.01 13.06 -11.42
N ALA A 143 3.28 12.73 -11.67
CA ALA A 143 4.35 13.70 -11.80
C ALA A 143 5.44 13.13 -12.69
N VAL A 144 6.17 14.03 -13.31
CA VAL A 144 7.19 13.69 -14.29
C VAL A 144 8.52 14.23 -13.79
N LEU A 145 9.54 13.39 -13.80
CA LEU A 145 10.86 13.74 -13.30
C LEU A 145 11.87 13.12 -14.24
N ASN A 146 12.67 13.96 -14.89
CA ASN A 146 13.70 13.50 -15.82
C ASN A 146 13.08 12.62 -16.90
N ARG A 147 11.93 13.06 -17.40
CA ARG A 147 11.23 12.42 -18.52
C ARG A 147 10.82 11.00 -18.18
N LEU A 148 10.67 10.71 -16.90
CA LEU A 148 10.02 9.50 -16.43
C LEU A 148 8.70 9.88 -15.74
N LEU A 149 7.73 9.00 -15.86
CA LEU A 149 6.36 9.30 -15.46
C LEU A 149 6.04 8.50 -14.21
N TYR A 150 5.71 9.19 -13.13
CA TYR A 150 5.47 8.56 -11.83
C TYR A 150 3.99 8.63 -11.49
N ALA A 151 3.43 7.51 -11.03
CA ALA A 151 2.06 7.43 -10.56
C ALA A 151 2.06 7.00 -9.10
N VAL A 152 1.38 7.78 -8.25
CA VAL A 152 1.61 7.77 -6.82
C VAL A 152 0.29 7.57 -6.09
N GLY A 153 0.24 6.58 -5.19
CA GLY A 153 -0.96 6.40 -4.37
C GLY A 153 -2.18 6.02 -5.21
N GLY A 154 -3.35 6.42 -4.72
CA GLY A 154 -4.61 6.12 -5.37
C GLY A 154 -5.49 5.14 -4.60
N PHE A 155 -6.46 4.58 -5.32
CA PHE A 155 -7.47 3.66 -4.75
C PHE A 155 -7.76 2.57 -5.78
N ASP A 156 -7.57 1.31 -5.43
CA ASP A 156 -7.68 0.26 -6.44
C ASP A 156 -9.08 -0.34 -6.52
N GLY A 157 -10.04 0.22 -5.80
CA GLY A 157 -11.37 -0.34 -5.72
C GLY A 157 -11.65 -1.01 -4.40
N THR A 158 -10.61 -1.52 -3.74
CA THR A 158 -10.77 -2.10 -2.42
C THR A 158 -9.82 -1.51 -1.42
N ASN A 159 -8.58 -1.24 -1.81
CA ASN A 159 -7.61 -0.68 -0.90
C ASN A 159 -7.11 0.66 -1.43
N ARG A 160 -6.96 1.61 -0.52
CA ARG A 160 -6.14 2.78 -0.78
C ARG A 160 -4.66 2.41 -0.70
N LEU A 161 -3.84 3.21 -1.37
CA LEU A 161 -2.49 2.81 -1.73
C LEU A 161 -1.47 3.82 -1.26
N ASN A 162 -0.33 3.32 -0.82
CA ASN A 162 0.86 4.15 -0.66
C ASN A 162 1.92 3.78 -1.68
N SER A 163 1.67 2.78 -2.50
CA SER A 163 2.68 2.38 -3.46
C SER A 163 2.81 3.44 -4.56
N ALA A 164 3.96 3.40 -5.25
CA ALA A 164 4.21 4.22 -6.43
C ALA A 164 4.93 3.38 -7.47
N GLU A 165 4.74 3.73 -8.74
CA GLU A 165 5.43 3.06 -9.82
C GLU A 165 5.84 4.08 -10.86
N CYS A 166 6.80 3.68 -11.68
CA CYS A 166 7.46 4.60 -12.60
C CYS A 166 7.44 4.01 -14.00
N TYR A 167 7.06 4.82 -14.99
CA TYR A 167 6.92 4.41 -16.38
C TYR A 167 8.09 4.95 -17.20
N TYR A 168 8.75 4.06 -17.97
CA TYR A 168 9.83 4.43 -18.86
C TYR A 168 9.30 4.51 -20.29
N PRO A 169 9.13 5.71 -20.86
CA PRO A 169 8.46 5.83 -22.16
C PRO A 169 9.13 5.01 -23.26
N GLU A 170 10.45 4.95 -23.28
CA GLU A 170 11.14 4.33 -24.39
C GLU A 170 11.29 2.83 -24.24
N ARG A 171 11.04 2.28 -23.06
CA ARG A 171 10.91 0.84 -22.90
C ARG A 171 9.46 0.40 -22.79
N ASN A 172 8.54 1.35 -22.67
CA ASN A 172 7.11 1.06 -22.55
C ASN A 172 6.85 0.04 -21.46
N GLU A 173 7.33 0.34 -20.26
CA GLU A 173 7.06 -0.55 -19.14
C GLU A 173 7.07 0.22 -17.82
N TRP A 174 6.44 -0.39 -16.84
CA TRP A 174 6.28 0.19 -15.50
C TRP A 174 7.09 -0.62 -14.51
N ARG A 175 7.60 0.06 -13.49
CA ARG A 175 8.39 -0.61 -12.48
C ARG A 175 8.03 0.03 -11.16
N MET A 176 7.76 -0.82 -10.17
CA MET A 176 7.50 -0.32 -8.82
C MET A 176 8.72 0.40 -8.30
N ILE A 177 8.47 1.41 -7.45
CA ILE A 177 9.53 2.15 -6.79
C ILE A 177 9.23 2.09 -5.30
N THR A 178 10.05 2.75 -4.49
CA THR A 178 9.80 2.79 -3.05
C THR A 178 8.43 3.39 -2.75
N ALA A 179 7.68 2.74 -1.86
CA ALA A 179 6.37 3.25 -1.47
C ALA A 179 6.50 4.49 -0.59
N MET A 180 5.43 5.28 -0.54
CA MET A 180 5.37 6.42 0.35
C MET A 180 5.28 5.95 1.79
N ASN A 181 5.53 6.88 2.73
CA ASN A 181 5.28 6.59 4.13
C ASN A 181 3.79 6.44 4.43
N THR A 182 2.93 7.17 3.71
CA THR A 182 1.52 7.26 4.04
C THR A 182 0.67 6.80 2.86
N ILE A 183 -0.40 6.07 3.18
CA ILE A 183 -1.41 5.71 2.19
C ILE A 183 -2.20 6.95 1.82
N ARG A 184 -2.34 7.20 0.51
CA ARG A 184 -2.98 8.42 0.02
C ARG A 184 -3.74 8.14 -1.27
N SER A 185 -5.06 8.37 -1.27
CA SER A 185 -5.80 8.57 -2.51
C SER A 185 -6.27 10.03 -2.60
N GLY A 186 -6.33 10.56 -3.82
CA GLY A 186 -6.75 11.96 -3.98
C GLY A 186 -5.79 12.96 -3.38
N ALA A 187 -4.51 12.65 -3.39
CA ALA A 187 -3.49 13.61 -2.98
C ALA A 187 -3.11 14.51 -4.15
N GLY A 188 -2.44 15.61 -3.84
CA GLY A 188 -1.85 16.46 -4.86
C GLY A 188 -0.41 16.04 -5.01
N VAL A 189 -0.01 15.76 -6.25
CA VAL A 189 1.33 15.29 -6.54
C VAL A 189 1.89 16.15 -7.65
N CYS A 190 3.12 16.61 -7.46
CA CYS A 190 3.79 17.47 -8.43
C CYS A 190 5.29 17.37 -8.23
N VAL A 191 6.03 17.92 -9.17
CA VAL A 191 7.48 17.98 -9.10
C VAL A 191 7.88 19.42 -8.78
N LEU A 192 8.78 19.59 -7.81
CA LEU A 192 9.31 20.89 -7.46
C LEU A 192 10.82 20.76 -7.39
N HIS A 193 11.51 21.62 -8.13
CA HIS A 193 12.94 21.48 -8.35
C HIS A 193 13.19 20.08 -8.90
N ASN A 194 13.74 19.18 -8.10
CA ASN A 194 13.94 17.82 -8.61
C ASN A 194 13.51 16.78 -7.59
N CYS A 195 12.40 17.03 -6.90
CA CYS A 195 11.81 16.05 -6.01
C CYS A 195 10.31 15.99 -6.30
N ILE A 196 9.71 14.83 -6.04
CA ILE A 196 8.29 14.62 -6.25
C ILE A 196 7.59 14.84 -4.93
N TYR A 197 6.64 15.76 -4.89
CA TYR A 197 5.92 16.02 -3.67
C TYR A 197 4.55 15.33 -3.71
N ALA A 198 4.16 14.73 -2.57
CA ALA A 198 2.83 14.18 -2.38
C ALA A 198 2.23 14.82 -1.14
N ALA A 199 1.12 15.51 -1.34
CA ALA A 199 0.53 16.30 -0.27
C ALA A 199 -0.92 15.93 -0.10
N GLY A 200 -1.34 15.77 1.15
CA GLY A 200 -2.73 15.56 1.48
C GLY A 200 -3.27 14.22 0.98
N GLY A 201 -4.57 14.19 0.74
CA GLY A 201 -5.21 12.97 0.31
C GLY A 201 -6.08 12.37 1.40
N TYR A 202 -6.44 11.10 1.19
CA TYR A 202 -7.34 10.36 2.07
C TYR A 202 -6.82 8.93 2.20
N ASP A 203 -6.73 8.42 3.43
CA ASP A 203 -6.20 7.07 3.64
C ASP A 203 -7.27 6.04 3.94
N GLY A 204 -8.55 6.37 3.76
CA GLY A 204 -9.63 5.51 4.19
C GLY A 204 -10.19 5.83 5.56
N GLN A 205 -9.56 6.74 6.29
CA GLN A 205 -10.06 7.03 7.62
C GLN A 205 -10.11 8.54 7.83
N ASP A 206 -9.01 9.20 7.51
CA ASP A 206 -8.89 10.63 7.70
C ASP A 206 -8.40 11.29 6.41
N GLN A 207 -8.86 12.52 6.20
CA GLN A 207 -8.17 13.43 5.30
C GLN A 207 -6.86 13.84 5.94
N LEU A 208 -5.85 14.07 5.10
CA LEU A 208 -4.46 14.21 5.52
C LEU A 208 -3.93 15.62 5.28
N ASN A 209 -3.09 16.09 6.20
CA ASN A 209 -2.35 17.33 5.98
C ASN A 209 -0.87 17.10 5.78
N SER A 210 -0.39 15.88 5.95
CA SER A 210 1.02 15.63 5.83
C SER A 210 1.46 15.72 4.38
N VAL A 211 2.72 16.08 4.20
CA VAL A 211 3.37 16.20 2.90
C VAL A 211 4.70 15.47 3.00
N GLU A 212 4.98 14.62 2.00
CA GLU A 212 6.27 13.97 1.86
C GLU A 212 6.77 14.12 0.43
N ARG A 213 8.09 13.99 0.26
CA ARG A 213 8.70 14.20 -1.04
C ARG A 213 9.75 13.13 -1.34
N TYR A 214 9.84 12.79 -2.61
CA TYR A 214 10.65 11.67 -3.07
C TYR A 214 11.91 12.17 -3.77
N ASP A 215 13.06 11.62 -3.38
CA ASP A 215 14.33 11.92 -4.01
C ASP A 215 14.75 10.73 -4.86
N VAL A 216 14.98 10.97 -6.15
CA VAL A 216 15.38 9.89 -7.04
C VAL A 216 16.77 9.37 -6.68
N GLU A 217 17.67 10.26 -6.25
CA GLU A 217 19.05 9.86 -6.03
C GLU A 217 19.16 8.89 -4.86
N THR A 218 18.36 9.09 -3.82
CA THR A 218 18.31 8.21 -2.65
C THR A 218 17.11 7.27 -2.67
N GLU A 219 16.31 7.31 -3.74
CA GLU A 219 15.05 6.56 -3.87
C GLU A 219 14.31 6.48 -2.53
N THR A 220 14.04 7.64 -1.94
CA THR A 220 13.52 7.69 -0.58
C THR A 220 12.48 8.81 -0.45
N TRP A 221 11.44 8.52 0.34
CA TRP A 221 10.39 9.48 0.68
C TRP A 221 10.66 10.02 2.07
N THR A 222 10.60 11.34 2.21
CA THR A 222 10.80 11.98 3.50
C THR A 222 9.69 12.98 3.73
N PHE A 223 9.15 13.01 4.95
CA PHE A 223 8.16 14.02 5.30
C PHE A 223 8.77 15.40 5.31
N VAL A 224 7.97 16.39 4.93
CA VAL A 224 8.34 17.78 5.12
C VAL A 224 7.23 18.43 5.92
N ALA A 225 7.20 19.75 5.95
CA ALA A 225 6.19 20.43 6.74
C ALA A 225 4.79 20.09 6.25
N PRO A 226 3.84 19.81 7.13
CA PRO A 226 2.47 19.54 6.70
C PRO A 226 1.70 20.83 6.44
N MET A 227 0.68 20.72 5.60
CA MET A 227 -0.18 21.86 5.33
C MET A 227 -0.96 22.24 6.57
N LYS A 228 -1.55 23.43 6.53
CA LYS A 228 -2.40 23.87 7.63
C LYS A 228 -3.72 23.11 7.64
N HIS A 229 -4.30 22.86 6.47
CA HIS A 229 -5.62 22.26 6.41
C HIS A 229 -5.56 20.87 5.76
N ARG A 230 -5.95 19.85 6.52
CA ARG A 230 -6.20 18.53 5.95
C ARG A 230 -7.13 18.66 4.75
N ARG A 231 -6.83 17.93 3.67
CA ARG A 231 -7.62 18.07 2.46
C ARG A 231 -7.37 16.90 1.52
N SER A 232 -8.47 16.33 1.02
CA SER A 232 -8.48 15.32 -0.03
C SER A 232 -9.06 15.91 -1.30
N ALA A 233 -8.61 15.39 -2.44
CA ALA A 233 -9.09 15.82 -3.77
C ALA A 233 -8.81 17.30 -3.98
N LEU A 234 -7.59 17.71 -3.67
CA LEU A 234 -7.10 19.07 -3.82
C LEU A 234 -6.45 19.22 -5.18
N GLY A 235 -6.35 20.46 -5.64
CA GLY A 235 -5.57 20.75 -6.81
C GLY A 235 -4.18 21.16 -6.36
N ILE A 236 -3.21 20.95 -7.24
CA ILE A 236 -1.83 21.30 -6.91
C ILE A 236 -1.13 21.78 -8.17
N THR A 237 -0.19 22.70 -8.00
CA THR A 237 0.64 23.14 -9.11
C THR A 237 1.85 23.85 -8.53
N VAL A 238 2.81 24.14 -9.40
CA VAL A 238 4.02 24.86 -9.03
C VAL A 238 4.02 26.16 -9.81
N HIS A 239 4.23 27.27 -9.11
CA HIS A 239 4.36 28.59 -9.70
C HIS A 239 5.58 29.26 -9.09
N GLN A 240 6.54 29.62 -9.93
CA GLN A 240 7.73 30.37 -9.51
C GLN A 240 8.40 29.76 -8.28
N GLY A 241 8.73 28.47 -8.36
CA GLY A 241 9.50 27.87 -7.28
C GLY A 241 8.73 27.52 -6.03
N ARG A 242 7.40 27.62 -6.04
CA ARG A 242 6.60 27.35 -4.84
C ARG A 242 5.38 26.53 -5.22
N ILE A 243 5.01 25.64 -4.30
CA ILE A 243 3.86 24.76 -4.49
C ILE A 243 2.61 25.46 -3.99
N TYR A 244 1.53 25.37 -4.77
CA TYR A 244 0.23 25.90 -4.39
C TYR A 244 -0.77 24.75 -4.36
N VAL A 245 -1.54 24.64 -3.28
CA VAL A 245 -2.61 23.65 -3.23
C VAL A 245 -3.93 24.39 -3.09
N LEU A 246 -4.92 23.93 -3.85
CA LEU A 246 -6.19 24.63 -4.02
C LEU A 246 -7.32 23.73 -3.56
N GLY A 247 -8.14 24.22 -2.64
CA GLY A 247 -9.39 23.58 -2.27
C GLY A 247 -9.20 22.16 -1.78
N GLY A 248 -10.19 21.33 -2.08
CA GLY A 248 -10.28 19.98 -1.55
C GLY A 248 -11.44 19.86 -0.56
N TYR A 249 -11.46 18.72 0.14
CA TYR A 249 -12.55 18.29 1.01
C TYR A 249 -11.92 17.74 2.27
N ASP A 250 -12.34 18.24 3.43
CA ASP A 250 -11.74 17.87 4.70
C ASP A 250 -12.66 16.99 5.56
N GLY A 251 -13.58 16.28 4.93
CA GLY A 251 -14.54 15.49 5.68
C GLY A 251 -15.80 16.22 6.07
N HIS A 252 -15.79 17.56 6.07
CA HIS A 252 -16.96 18.35 6.43
C HIS A 252 -17.31 19.43 5.42
N THR A 253 -16.32 20.10 4.85
CA THR A 253 -16.61 21.20 3.93
C THR A 253 -15.72 21.07 2.71
N PHE A 254 -16.17 21.67 1.62
CA PHE A 254 -15.36 21.83 0.44
C PHE A 254 -14.62 23.15 0.59
N LEU A 255 -13.29 23.08 0.64
CA LEU A 255 -12.48 24.21 1.04
C LEU A 255 -12.30 25.20 -0.12
N ASP A 256 -12.22 26.49 0.22
CA ASP A 256 -11.72 27.48 -0.73
C ASP A 256 -10.31 27.94 -0.36
N SER A 257 -9.72 27.39 0.70
CA SER A 257 -8.36 27.72 1.09
C SER A 257 -7.35 27.41 0.00
N VAL A 258 -6.40 28.33 -0.21
CA VAL A 258 -5.23 28.09 -1.08
C VAL A 258 -3.99 28.30 -0.25
N GLU A 259 -3.20 27.23 -0.06
CA GLU A 259 -1.96 27.26 0.69
C GLU A 259 -0.75 27.20 -0.24
N CYS A 260 0.34 27.82 0.18
CA CYS A 260 1.51 27.92 -0.67
C CYS A 260 2.72 27.50 0.14
N TYR A 261 3.52 26.59 -0.42
CA TYR A 261 4.69 26.04 0.26
C TYR A 261 5.97 26.64 -0.29
N ASP A 262 6.82 27.16 0.59
CA ASP A 262 8.12 27.66 0.19
C ASP A 262 9.19 26.64 0.59
N PRO A 263 9.89 26.01 -0.36
CA PRO A 263 10.84 24.97 0.04
C PRO A 263 12.05 25.50 0.78
N ASP A 264 12.42 26.77 0.59
CA ASP A 264 13.60 27.30 1.26
C ASP A 264 13.40 27.42 2.76
N THR A 265 12.16 27.73 3.20
CA THR A 265 11.82 27.80 4.61
C THR A 265 11.10 26.55 5.11
N ASP A 266 10.69 25.65 4.23
CA ASP A 266 9.84 24.51 4.58
C ASP A 266 8.66 24.97 5.43
N THR A 267 7.92 25.95 4.89
CA THR A 267 6.75 26.48 5.57
C THR A 267 5.60 26.61 4.59
N TRP A 268 4.39 26.48 5.12
CA TRP A 268 3.14 26.67 4.40
C TRP A 268 2.48 27.95 4.92
N SER A 269 1.91 28.74 4.01
CA SER A 269 1.05 29.86 4.40
C SER A 269 -0.20 29.86 3.53
N GLU A 270 -1.30 30.32 4.10
CA GLU A 270 -2.52 30.55 3.34
C GLU A 270 -2.39 31.87 2.60
N VAL A 271 -2.48 31.84 1.27
CA VAL A 271 -2.22 33.02 0.47
C VAL A 271 -3.51 33.62 -0.08
N THR A 272 -4.54 32.81 -0.30
CA THR A 272 -5.77 33.37 -0.85
C THR A 272 -6.94 32.46 -0.50
N ARG A 273 -8.12 32.87 -0.93
CA ARG A 273 -9.26 31.96 -0.96
C ARG A 273 -9.83 31.99 -2.37
N MET A 274 -10.26 30.82 -2.86
CA MET A 274 -11.00 30.80 -4.11
C MET A 274 -12.32 31.50 -3.93
N THR A 275 -12.93 31.87 -5.05
CA THR A 275 -14.23 32.53 -5.01
C THR A 275 -15.31 31.64 -4.40
N SER A 276 -15.13 30.31 -4.48
CA SER A 276 -16.06 29.40 -3.81
C SER A 276 -15.36 28.07 -3.55
N GLY A 277 -15.72 27.41 -2.45
CA GLY A 277 -15.06 26.16 -2.12
C GLY A 277 -15.42 25.06 -3.10
N ARG A 278 -14.43 24.21 -3.41
CA ARG A 278 -14.61 23.13 -4.36
C ARG A 278 -13.48 22.12 -4.16
N SER A 279 -13.75 20.88 -4.56
CA SER A 279 -12.75 19.82 -4.61
C SER A 279 -12.67 19.33 -6.06
N GLY A 280 -11.72 18.42 -6.30
CA GLY A 280 -11.56 17.78 -7.59
C GLY A 280 -11.38 18.70 -8.78
N VAL A 281 -10.53 19.73 -8.65
CA VAL A 281 -10.28 20.65 -9.75
C VAL A 281 -9.10 20.15 -10.57
N GLY A 282 -8.97 20.68 -11.79
CA GLY A 282 -7.73 20.59 -12.56
C GLY A 282 -7.01 21.93 -12.50
N VAL A 283 -5.69 21.89 -12.29
CA VAL A 283 -4.92 23.09 -12.03
C VAL A 283 -3.64 23.07 -12.87
N ALA A 284 -3.33 24.21 -13.50
CA ALA A 284 -2.04 24.34 -14.16
C ALA A 284 -1.70 25.83 -14.37
N VAL A 285 -0.47 26.07 -14.85
CA VAL A 285 0.12 27.41 -14.90
C VAL A 285 0.52 27.70 -16.34
N THR A 286 0.06 28.83 -16.88
CA THR A 286 0.53 29.27 -18.19
C THR A 286 0.36 30.80 -18.27
N THR B 7 4.71 -27.38 13.75
CA THR B 7 3.55 -26.49 13.70
C THR B 7 2.83 -26.43 15.08
N ALA B 8 2.64 -25.21 15.59
CA ALA B 8 2.04 -25.00 16.90
C ALA B 8 0.79 -24.12 16.79
N GLY B 9 -0.29 -24.54 17.45
CA GLY B 9 -1.49 -23.73 17.48
C GLY B 9 -2.31 -23.86 16.22
N GLY B 10 -3.19 -22.90 16.00
CA GLY B 10 -4.02 -22.89 14.81
C GLY B 10 -5.49 -22.77 15.15
N TYR B 11 -6.32 -22.88 14.13
CA TYR B 11 -7.74 -22.68 14.32
C TYR B 11 -8.54 -23.58 13.40
N PHE B 12 -9.48 -24.30 14.00
CA PHE B 12 -10.52 -25.03 13.28
C PHE B 12 -11.69 -25.14 14.26
N ARG B 13 -12.73 -24.34 14.03
CA ARG B 13 -13.86 -24.16 14.93
C ARG B 13 -13.50 -23.43 16.22
N GLN B 14 -12.26 -23.60 16.69
CA GLN B 14 -11.77 -22.87 17.85
C GLN B 14 -10.25 -22.87 17.79
N SER B 15 -9.63 -22.03 18.59
CA SER B 15 -8.18 -22.07 18.66
C SER B 15 -7.74 -23.43 19.22
N LEU B 16 -6.54 -23.85 18.84
CA LEU B 16 -6.06 -25.21 19.05
C LEU B 16 -4.79 -25.22 19.88
N SER B 17 -4.53 -26.37 20.50
CA SER B 17 -3.34 -26.55 21.32
C SER B 17 -2.28 -27.42 20.65
N TYR B 18 -2.58 -27.95 19.46
CA TYR B 18 -1.72 -28.93 18.80
C TYR B 18 -0.28 -28.45 18.65
N LEU B 19 0.64 -29.38 18.89
CA LEU B 19 2.04 -29.28 18.47
C LEU B 19 2.35 -30.56 17.71
N GLU B 20 2.51 -30.44 16.40
CA GLU B 20 2.78 -31.59 15.54
C GLU B 20 4.02 -31.32 14.70
N ALA B 21 4.70 -32.40 14.33
CA ALA B 21 5.98 -32.32 13.64
C ALA B 21 5.90 -33.19 12.39
N TYR B 22 6.18 -32.59 11.24
CA TYR B 22 6.33 -33.27 9.97
C TYR B 22 7.80 -33.40 9.62
N ASN B 23 8.20 -34.56 9.12
CA ASN B 23 9.57 -34.76 8.66
C ASN B 23 9.54 -35.29 7.23
N PRO B 24 10.07 -34.54 6.27
CA PRO B 24 9.92 -34.89 4.84
C PRO B 24 10.72 -36.12 4.36
N SER B 25 11.56 -36.72 5.21
CA SER B 25 12.15 -38.01 4.86
C SER B 25 11.11 -39.12 4.96
N ASP B 26 10.57 -39.35 6.16
CA ASP B 26 9.57 -40.40 6.33
C ASP B 26 8.23 -39.99 5.75
N GLY B 27 7.87 -38.71 5.87
CA GLY B 27 6.56 -38.26 5.43
C GLY B 27 5.46 -38.45 6.43
N THR B 28 5.79 -38.84 7.66
CA THR B 28 4.82 -39.08 8.72
C THR B 28 4.76 -37.90 9.68
N TRP B 29 3.69 -37.85 10.47
CA TRP B 29 3.46 -36.79 11.44
C TRP B 29 3.62 -37.31 12.85
N LEU B 30 4.34 -36.56 13.67
CA LEU B 30 4.55 -36.86 15.09
C LEU B 30 3.65 -35.96 15.92
N ARG B 31 2.91 -36.53 16.86
CA ARG B 31 2.06 -35.74 17.76
C ARG B 31 2.77 -35.55 19.10
N LEU B 32 2.95 -34.30 19.51
CA LEU B 32 3.74 -33.94 20.68
C LEU B 32 2.86 -33.26 21.71
N ALA B 33 3.49 -32.59 22.68
CA ALA B 33 2.76 -32.03 23.81
C ALA B 33 1.87 -30.86 23.39
N ASP B 34 0.67 -30.84 23.94
CA ASP B 34 -0.26 -29.73 23.77
C ASP B 34 0.31 -28.44 24.33
N LEU B 35 0.01 -27.34 23.64
CA LEU B 35 0.25 -26.02 24.21
C LEU B 35 -0.53 -25.88 25.52
N GLN B 36 0.01 -25.09 26.44
CA GLN B 36 -0.68 -24.87 27.72
C GLN B 36 -1.98 -24.09 27.51
N VAL B 37 -1.97 -23.07 26.67
CA VAL B 37 -3.16 -22.29 26.32
C VAL B 37 -3.35 -22.41 24.81
N PRO B 38 -4.55 -22.73 24.32
CA PRO B 38 -4.78 -22.73 22.88
C PRO B 38 -4.54 -21.34 22.31
N ARG B 39 -4.09 -21.29 21.06
CA ARG B 39 -3.81 -20.03 20.41
C ARG B 39 -3.81 -20.24 18.91
N SER B 40 -4.35 -19.25 18.20
CA SER B 40 -4.28 -19.10 16.75
C SER B 40 -3.85 -17.67 16.44
N GLY B 41 -3.47 -17.42 15.18
CA GLY B 41 -2.86 -16.15 14.83
C GLY B 41 -1.55 -15.86 15.53
N LEU B 42 -0.87 -16.90 15.99
CA LEU B 42 0.42 -16.76 16.66
C LEU B 42 1.54 -16.88 15.63
N ALA B 43 2.76 -16.67 16.08
CA ALA B 43 3.95 -16.92 15.28
C ALA B 43 4.86 -17.90 16.00
N GLY B 44 5.62 -18.68 15.22
CA GLY B 44 6.57 -19.61 15.76
C GLY B 44 7.98 -19.34 15.25
N CYS B 45 8.97 -19.72 16.05
CA CYS B 45 10.37 -19.60 15.69
C CYS B 45 11.19 -20.53 16.58
N VAL B 46 12.50 -20.54 16.36
CA VAL B 46 13.44 -21.40 17.07
C VAL B 46 14.66 -20.57 17.43
N VAL B 47 15.01 -20.54 18.72
CA VAL B 47 16.21 -19.87 19.20
C VAL B 47 16.89 -20.80 20.20
N GLY B 48 18.18 -21.06 19.98
CA GLY B 48 18.92 -21.97 20.84
C GLY B 48 18.33 -23.36 20.90
N GLY B 49 17.76 -23.84 19.80
CA GLY B 49 17.08 -25.11 19.77
C GLY B 49 15.72 -25.14 20.43
N LEU B 50 15.33 -24.09 21.15
CA LEU B 50 14.02 -24.00 21.80
C LEU B 50 13.01 -23.37 20.86
N LEU B 51 11.80 -23.95 20.84
CA LEU B 51 10.72 -23.52 19.96
C LEU B 51 9.84 -22.51 20.72
N TYR B 52 9.71 -21.32 20.17
CA TYR B 52 8.91 -20.28 20.80
C TYR B 52 7.57 -20.13 20.09
N ALA B 53 6.51 -20.03 20.88
CA ALA B 53 5.19 -19.61 20.42
C ALA B 53 4.92 -18.22 21.00
N VAL B 54 4.48 -17.29 20.17
CA VAL B 54 4.40 -15.89 20.57
C VAL B 54 3.10 -15.28 20.05
N GLY B 55 2.42 -14.54 20.92
CA GLY B 55 1.20 -13.83 20.58
C GLY B 55 0.02 -14.74 20.21
N GLY B 56 -0.88 -14.15 19.43
CA GLY B 56 -2.05 -14.83 18.91
C GLY B 56 -3.26 -14.57 19.78
N ARG B 57 -4.20 -15.52 19.82
CA ARG B 57 -5.38 -15.36 20.66
C ARG B 57 -6.07 -16.71 20.86
N ASN B 58 -6.92 -16.77 21.90
CA ASN B 58 -7.72 -17.96 22.21
C ASN B 58 -9.17 -17.63 21.87
N ASN B 59 -9.59 -18.08 20.70
CA ASN B 59 -10.93 -17.87 20.16
C ASN B 59 -11.71 -19.13 20.42
N SER B 60 -12.53 -19.12 21.48
CA SER B 60 -13.21 -20.30 22.00
C SER B 60 -14.69 -20.01 22.15
N PRO B 61 -15.52 -21.03 22.43
CA PRO B 61 -16.95 -20.77 22.66
C PRO B 61 -17.24 -19.88 23.86
N ASP B 62 -16.24 -19.62 24.70
CA ASP B 62 -16.40 -18.88 25.94
C ASP B 62 -15.51 -17.64 26.00
N GLY B 63 -14.87 -17.27 24.90
CA GLY B 63 -13.96 -16.15 24.96
C GLY B 63 -13.27 -15.91 23.63
N ASN B 64 -12.45 -14.86 23.63
CA ASN B 64 -11.70 -14.44 22.44
C ASN B 64 -10.57 -13.53 22.93
N THR B 65 -9.64 -14.13 23.65
CA THR B 65 -8.64 -13.40 24.42
C THR B 65 -7.34 -13.29 23.61
N ASP B 66 -6.99 -12.06 23.22
CA ASP B 66 -5.71 -11.80 22.59
C ASP B 66 -4.57 -12.11 23.55
N SER B 67 -3.48 -12.64 23.00
CA SER B 67 -2.38 -13.17 23.78
C SER B 67 -1.19 -12.23 23.77
N SER B 68 -0.68 -11.93 24.97
CA SER B 68 0.62 -11.31 25.14
C SER B 68 1.67 -12.32 25.55
N ALA B 69 1.37 -13.61 25.42
CA ALA B 69 2.19 -14.65 26.03
C ALA B 69 3.35 -15.04 25.13
N LEU B 70 4.49 -15.29 25.76
CA LEU B 70 5.63 -15.94 25.13
C LEU B 70 5.87 -17.26 25.85
N ASP B 71 5.88 -18.36 25.10
CA ASP B 71 6.06 -19.67 25.70
C ASP B 71 7.08 -20.48 24.89
N CYS B 72 7.82 -21.31 25.62
CA CYS B 72 9.00 -21.98 25.12
C CYS B 72 8.83 -23.49 25.21
N TYR B 73 9.23 -24.20 24.16
CA TYR B 73 9.13 -25.65 24.10
C TYR B 73 10.52 -26.24 23.89
N ASN B 74 10.87 -27.26 24.69
CA ASN B 74 12.18 -27.89 24.60
C ASN B 74 12.05 -29.23 23.89
N PRO B 75 12.74 -29.43 22.76
CA PRO B 75 12.46 -30.63 21.93
C PRO B 75 12.93 -31.93 22.54
N MET B 76 13.80 -31.93 23.55
CA MET B 76 14.22 -33.19 24.15
C MET B 76 13.65 -33.43 25.54
N THR B 77 12.99 -32.43 26.13
CA THR B 77 12.19 -32.67 27.32
C THR B 77 10.70 -32.82 27.01
N ASN B 78 10.26 -32.42 25.82
CA ASN B 78 8.83 -32.39 25.47
C ASN B 78 8.03 -31.60 26.49
N GLN B 79 8.58 -30.46 26.92
CA GLN B 79 7.95 -29.64 27.93
C GLN B 79 7.80 -28.20 27.44
N TRP B 80 6.65 -27.59 27.76
CA TRP B 80 6.44 -26.17 27.60
C TRP B 80 6.75 -25.45 28.89
N SER B 81 7.19 -24.20 28.77
CA SER B 81 7.48 -23.35 29.92
C SER B 81 7.11 -21.92 29.56
N PRO B 82 6.52 -21.17 30.47
CA PRO B 82 6.24 -19.77 30.20
C PRO B 82 7.48 -18.91 30.31
N CYS B 83 7.52 -17.84 29.52
CA CYS B 83 8.53 -16.81 29.63
C CYS B 83 7.83 -15.47 29.81
N ALA B 84 8.61 -14.40 29.94
CA ALA B 84 8.00 -13.11 30.22
C ALA B 84 7.04 -12.72 29.09
N PRO B 85 5.93 -12.07 29.40
CA PRO B 85 4.99 -11.65 28.35
C PRO B 85 5.35 -10.30 27.77
N MET B 86 4.78 -10.03 26.59
CA MET B 86 5.03 -8.77 25.89
C MET B 86 4.28 -7.63 26.57
N SER B 87 4.57 -6.41 26.11
CA SER B 87 3.91 -5.23 26.65
C SER B 87 2.43 -5.23 26.33
N VAL B 88 2.07 -5.74 25.16
CA VAL B 88 0.67 -5.75 24.72
C VAL B 88 0.35 -7.08 24.08
N PRO B 89 -0.93 -7.44 24.03
CA PRO B 89 -1.33 -8.60 23.23
C PRO B 89 -1.18 -8.30 21.75
N ARG B 90 -0.88 -9.34 20.98
CA ARG B 90 -0.61 -9.23 19.55
C ARG B 90 -1.21 -10.44 18.86
N ASN B 91 -2.48 -10.32 18.47
CA ASN B 91 -3.08 -11.32 17.60
C ASN B 91 -2.64 -11.06 16.17
N ARG B 92 -2.40 -12.13 15.41
CA ARG B 92 -1.95 -12.05 14.01
C ARG B 92 -0.63 -11.29 13.93
N ILE B 93 0.27 -11.72 14.79
CA ILE B 93 1.59 -11.16 14.99
C ILE B 93 2.57 -11.73 13.95
N GLY B 94 3.65 -11.00 13.73
CA GLY B 94 4.78 -11.52 12.99
C GLY B 94 6.02 -11.45 13.86
N VAL B 95 6.93 -12.41 13.64
CA VAL B 95 8.16 -12.47 14.42
C VAL B 95 9.35 -12.74 13.53
N GLY B 96 10.47 -12.15 13.91
CA GLY B 96 11.74 -12.56 13.35
C GLY B 96 12.78 -12.55 14.45
N VAL B 97 13.89 -13.24 14.19
CA VAL B 97 14.96 -13.38 15.16
C VAL B 97 16.26 -12.83 14.58
N ILE B 98 16.87 -11.90 15.31
CA ILE B 98 18.17 -11.30 15.03
C ILE B 98 18.98 -11.35 16.32
N ASP B 99 20.23 -11.83 16.25
CA ASP B 99 21.16 -11.88 17.37
C ASP B 99 20.74 -12.90 18.44
N GLY B 100 19.93 -13.88 18.08
CA GLY B 100 19.25 -14.66 19.09
C GLY B 100 18.24 -13.88 19.90
N HIS B 101 17.79 -12.73 19.41
CA HIS B 101 16.81 -11.89 20.07
C HIS B 101 15.49 -11.97 19.31
N ILE B 102 14.39 -11.86 20.05
CA ILE B 102 13.05 -12.07 19.49
C ILE B 102 12.44 -10.73 19.14
N TYR B 103 12.06 -10.56 17.88
CA TYR B 103 11.35 -9.36 17.44
C TYR B 103 9.88 -9.69 17.24
N ALA B 104 9.00 -8.99 17.95
CA ALA B 104 7.57 -9.21 17.88
C ALA B 104 6.95 -8.02 17.15
N VAL B 105 6.19 -8.30 16.09
CA VAL B 105 5.85 -7.30 15.08
C VAL B 105 4.34 -7.15 14.96
N GLY B 106 3.84 -5.95 15.24
CA GLY B 106 2.49 -5.62 14.89
C GLY B 106 1.46 -6.48 15.62
N GLY B 107 0.44 -6.91 14.90
CA GLY B 107 -0.65 -7.66 15.49
C GLY B 107 -1.70 -6.73 16.08
N SER B 108 -2.81 -7.34 16.49
CA SER B 108 -3.96 -6.59 16.97
C SER B 108 -4.27 -6.94 18.42
N HIS B 109 -4.95 -5.99 19.08
CA HIS B 109 -5.52 -6.15 20.42
C HIS B 109 -6.88 -5.48 20.36
N GLY B 110 -7.94 -6.29 20.31
CA GLY B 110 -9.25 -5.77 19.99
C GLY B 110 -9.24 -4.99 18.70
N CYS B 111 -9.81 -3.79 18.74
CA CYS B 111 -9.87 -2.86 17.62
C CYS B 111 -8.51 -2.24 17.30
N ILE B 112 -7.51 -2.42 18.16
CA ILE B 112 -6.25 -1.70 18.05
C ILE B 112 -5.26 -2.49 17.21
N HIS B 113 -4.86 -1.92 16.06
CA HIS B 113 -3.89 -2.55 15.18
C HIS B 113 -2.53 -1.92 15.45
N HIS B 114 -1.58 -2.72 15.93
CA HIS B 114 -0.30 -2.19 16.39
C HIS B 114 0.58 -1.79 15.22
N ASN B 115 1.29 -0.68 15.36
CA ASN B 115 2.49 -0.46 14.58
C ASN B 115 3.73 -0.66 15.43
N SER B 116 3.57 -0.88 16.73
CA SER B 116 4.68 -1.04 17.66
C SER B 116 5.39 -2.37 17.46
N VAL B 117 6.64 -2.40 17.92
CA VAL B 117 7.54 -3.54 17.81
C VAL B 117 8.30 -3.63 19.11
N GLU B 118 8.53 -4.85 19.59
CA GLU B 118 9.30 -5.03 20.82
C GLU B 118 10.20 -6.23 20.71
N ARG B 119 11.23 -6.22 21.56
CA ARG B 119 12.38 -7.12 21.47
C ARG B 119 12.53 -7.89 22.78
N TYR B 120 12.67 -9.21 22.67
CA TYR B 120 12.83 -10.10 23.81
C TYR B 120 14.25 -10.67 23.84
N GLU B 121 14.82 -10.75 25.05
CA GLU B 121 16.17 -11.32 25.22
C GLU B 121 16.12 -12.64 25.99
N PRO B 122 16.35 -13.78 25.31
CA PRO B 122 16.11 -15.07 25.97
C PRO B 122 16.92 -15.30 27.23
N GLU B 123 18.19 -14.91 27.27
CA GLU B 123 18.98 -15.21 28.47
C GLU B 123 18.97 -14.07 29.48
N ARG B 124 18.07 -13.10 29.32
CA ARG B 124 17.68 -12.19 30.40
C ARG B 124 16.17 -12.10 30.58
N ASP B 125 15.39 -12.77 29.72
CA ASP B 125 13.93 -12.90 29.86
C ASP B 125 13.26 -11.53 30.05
N GLU B 126 13.53 -10.61 29.12
CA GLU B 126 12.97 -9.27 29.16
C GLU B 126 12.37 -8.93 27.81
N TRP B 127 11.38 -8.05 27.82
CA TRP B 127 10.88 -7.39 26.62
C TRP B 127 11.14 -5.89 26.74
N HIS B 128 11.45 -5.26 25.60
CA HIS B 128 11.65 -3.83 25.56
C HIS B 128 11.20 -3.29 24.21
N LEU B 129 10.51 -2.16 24.24
CA LEU B 129 9.95 -1.59 23.01
C LEU B 129 11.04 -0.91 22.18
N VAL B 130 10.86 -0.95 20.86
CA VAL B 130 11.74 -0.28 19.91
C VAL B 130 10.88 0.66 19.07
N ALA B 131 11.44 1.21 18.00
CA ALA B 131 10.70 2.20 17.22
C ALA B 131 9.48 1.57 16.57
N PRO B 132 8.38 2.32 16.44
CA PRO B 132 7.20 1.78 15.76
C PRO B 132 7.40 1.76 14.25
N MET B 133 6.76 0.80 13.59
CA MET B 133 6.77 0.74 12.15
C MET B 133 6.15 2.01 11.58
N LEU B 134 6.47 2.28 10.32
CA LEU B 134 5.79 3.36 9.61
C LEU B 134 4.31 3.09 9.45
N THR B 135 3.90 1.83 9.60
CA THR B 135 2.58 1.36 9.24
C THR B 135 2.07 0.44 10.35
N ARG B 136 0.78 0.53 10.63
CA ARG B 136 0.10 -0.44 11.47
C ARG B 136 -0.09 -1.72 10.68
N ARG B 137 0.34 -2.87 11.21
CA ARG B 137 0.29 -4.12 10.47
C ARG B 137 -0.15 -5.27 11.38
N ILE B 138 -1.29 -5.86 11.09
CA ILE B 138 -1.62 -7.19 11.56
C ILE B 138 -1.64 -8.11 10.34
N GLY B 139 -1.47 -9.42 10.59
CA GLY B 139 -1.32 -10.33 9.47
C GLY B 139 -0.07 -10.09 8.68
N VAL B 140 0.95 -9.50 9.29
CA VAL B 140 2.18 -9.09 8.63
C VAL B 140 3.14 -10.26 8.58
N GLY B 141 3.80 -10.46 7.44
CA GLY B 141 4.88 -11.44 7.35
C GLY B 141 6.20 -10.78 7.69
N VAL B 142 7.06 -11.54 8.36
CA VAL B 142 8.33 -11.01 8.88
C VAL B 142 9.47 -11.92 8.46
N ALA B 143 10.61 -11.32 8.11
CA ALA B 143 11.75 -12.08 7.62
C ALA B 143 13.03 -11.33 7.96
N VAL B 144 14.13 -12.08 8.01
CA VAL B 144 15.43 -11.57 8.39
C VAL B 144 16.39 -11.83 7.25
N LEU B 145 17.13 -10.79 6.86
CA LEU B 145 18.16 -10.99 5.85
C LEU B 145 19.26 -9.97 6.09
N ASN B 146 20.50 -10.46 6.16
CA ASN B 146 21.69 -9.65 6.46
C ASN B 146 21.54 -8.93 7.79
N ARG B 147 20.87 -9.58 8.74
CA ARG B 147 20.61 -9.01 10.06
C ARG B 147 19.79 -7.72 9.98
N LEU B 148 18.96 -7.62 8.94
CA LEU B 148 17.90 -6.62 8.85
C LEU B 148 16.56 -7.33 8.94
N LEU B 149 15.57 -6.65 9.51
CA LEU B 149 14.28 -7.27 9.79
C LEU B 149 13.22 -6.65 8.90
N TYR B 150 12.56 -7.47 8.09
CA TYR B 150 11.58 -7.03 7.10
C TYR B 150 10.15 -7.30 7.57
N ALA B 151 9.31 -6.27 7.58
CA ALA B 151 7.87 -6.38 7.76
C ALA B 151 7.18 -6.20 6.42
N VAL B 152 6.33 -7.16 6.05
CA VAL B 152 5.86 -7.33 4.68
C VAL B 152 4.35 -7.53 4.70
N GLY B 153 3.62 -6.62 4.03
CA GLY B 153 2.19 -6.79 3.86
C GLY B 153 1.43 -6.52 5.14
N GLY B 154 0.27 -7.17 5.25
CA GLY B 154 -0.57 -7.01 6.42
C GLY B 154 -1.82 -6.19 6.14
N PHE B 155 -2.37 -5.65 7.22
CA PHE B 155 -3.66 -4.97 7.30
C PHE B 155 -3.54 -3.90 8.37
N ASP B 156 -3.88 -2.64 8.03
CA ASP B 156 -3.73 -1.53 8.96
C ASP B 156 -5.01 -1.21 9.74
N GLY B 157 -6.03 -2.05 9.65
CA GLY B 157 -7.34 -1.73 10.15
C GLY B 157 -8.31 -1.32 9.04
N THR B 158 -7.80 -0.80 7.95
CA THR B 158 -8.66 -0.32 6.88
C THR B 158 -8.20 -0.81 5.52
N ASN B 159 -6.90 -0.77 5.25
CA ASN B 159 -6.38 -1.18 3.95
C ASN B 159 -5.50 -2.41 4.12
N ARG B 160 -5.59 -3.31 3.16
CA ARG B 160 -4.56 -4.34 3.04
C ARG B 160 -3.42 -3.80 2.19
N LEU B 161 -2.23 -4.33 2.44
CA LEU B 161 -0.98 -3.66 2.10
C LEU B 161 -0.14 -4.53 1.18
N ASN B 162 0.50 -3.87 0.21
CA ASN B 162 1.63 -4.44 -0.52
C ASN B 162 2.94 -3.78 -0.13
N SER B 163 2.91 -2.82 0.78
CA SER B 163 4.13 -2.16 1.18
C SER B 163 4.98 -3.09 2.04
N ALA B 164 6.25 -2.75 2.13
CA ALA B 164 7.17 -3.50 2.95
C ALA B 164 8.16 -2.48 3.51
N GLU B 165 8.61 -2.72 4.73
CA GLU B 165 9.57 -1.82 5.36
C GLU B 165 10.64 -2.64 6.05
N CYS B 166 11.74 -1.97 6.36
CA CYS B 166 12.96 -2.60 6.84
C CYS B 166 13.39 -1.90 8.11
N TYR B 167 13.69 -2.67 9.14
CA TYR B 167 14.15 -2.13 10.40
C TYR B 167 15.66 -2.29 10.46
N TYR B 168 16.35 -1.19 10.73
CA TYR B 168 17.79 -1.23 10.88
C TYR B 168 18.10 -1.15 12.37
N PRO B 169 18.58 -2.22 12.99
CA PRO B 169 18.73 -2.19 14.45
C PRO B 169 19.66 -1.09 14.94
N GLU B 170 20.74 -0.82 14.20
CA GLU B 170 21.78 0.07 14.68
C GLU B 170 21.42 1.55 14.58
N ARG B 171 20.33 1.89 13.89
CA ARG B 171 19.82 3.24 13.91
C ARG B 171 18.41 3.33 14.47
N ASN B 172 17.80 2.19 14.80
CA ASN B 172 16.45 2.14 15.37
C ASN B 172 15.45 2.93 14.52
N GLU B 173 15.42 2.61 13.24
CA GLU B 173 14.44 3.27 12.39
C GLU B 173 14.01 2.34 11.27
N TRP B 174 12.82 2.62 10.77
CA TRP B 174 12.21 1.87 9.70
C TRP B 174 12.30 2.71 8.44
N ARG B 175 12.57 2.05 7.33
CA ARG B 175 12.51 2.69 6.02
C ARG B 175 11.71 1.81 5.09
N MET B 176 10.81 2.44 4.34
CA MET B 176 10.05 1.73 3.31
C MET B 176 11.02 1.18 2.26
N ILE B 177 10.67 0.03 1.68
CA ILE B 177 11.40 -0.49 0.54
C ILE B 177 10.43 -0.56 -0.63
N THR B 178 10.82 -1.21 -1.72
CA THR B 178 9.91 -1.37 -2.83
C THR B 178 8.70 -2.18 -2.38
N ALA B 179 7.51 -1.74 -2.79
CA ALA B 179 6.31 -2.48 -2.45
C ALA B 179 6.21 -3.74 -3.30
N MET B 180 5.47 -4.73 -2.80
CA MET B 180 5.23 -5.91 -3.59
C MET B 180 4.37 -5.56 -4.81
N ASN B 181 4.32 -6.49 -5.75
CA ASN B 181 3.39 -6.34 -6.86
C ASN B 181 1.95 -6.57 -6.42
N THR B 182 1.73 -7.43 -5.44
CA THR B 182 0.40 -7.79 -4.98
C THR B 182 0.16 -7.36 -3.55
N ILE B 183 -1.07 -6.92 -3.28
CA ILE B 183 -1.50 -6.66 -1.90
C ILE B 183 -1.73 -8.00 -1.19
N ARG B 184 -1.14 -8.15 0.01
CA ARG B 184 -1.16 -9.43 0.72
C ARG B 184 -1.27 -9.23 2.24
N SER B 185 -2.37 -9.67 2.81
CA SER B 185 -2.52 -9.78 4.24
C SER B 185 -2.63 -11.27 4.58
N GLY B 186 -2.03 -11.67 5.71
CA GLY B 186 -2.00 -13.08 6.06
C GLY B 186 -1.32 -13.93 5.02
N ALA B 187 -0.23 -13.44 4.43
CA ALA B 187 0.61 -14.25 3.57
C ALA B 187 1.62 -15.02 4.42
N GLY B 188 2.31 -15.95 3.78
CA GLY B 188 3.44 -16.62 4.39
C GLY B 188 4.71 -16.01 3.86
N VAL B 189 5.55 -15.51 4.77
CA VAL B 189 6.73 -14.75 4.41
C VAL B 189 7.95 -15.38 5.07
N CYS B 190 8.92 -15.74 4.24
CA CYS B 190 10.14 -16.38 4.73
C CYS B 190 11.31 -15.88 3.89
N VAL B 191 12.51 -16.26 4.30
CA VAL B 191 13.71 -16.09 3.48
C VAL B 191 14.12 -17.46 2.98
N LEU B 192 14.36 -17.57 1.68
CA LEU B 192 14.91 -18.78 1.07
C LEU B 192 16.17 -18.41 0.31
N HIS B 193 17.25 -19.13 0.58
CA HIS B 193 18.55 -18.74 0.08
C HIS B 193 18.75 -17.28 0.47
N ASN B 194 18.68 -16.33 -0.48
CA ASN B 194 18.76 -14.91 -0.11
C ASN B 194 17.82 -14.05 -0.94
N CYS B 195 16.57 -14.52 -1.08
CA CYS B 195 15.47 -13.69 -1.55
C CYS B 195 14.32 -13.84 -0.55
N ILE B 196 13.59 -12.75 -0.34
CA ILE B 196 12.48 -12.72 0.61
C ILE B 196 11.23 -13.18 -0.14
N TYR B 197 10.67 -14.30 0.26
CA TYR B 197 9.51 -14.83 -0.43
C TYR B 197 8.26 -14.42 0.30
N ALA B 198 7.22 -14.11 -0.45
CA ALA B 198 5.91 -13.80 0.10
C ALA B 198 4.92 -14.61 -0.72
N ALA B 199 4.24 -15.56 -0.08
CA ALA B 199 3.39 -16.50 -0.79
C ALA B 199 1.96 -16.42 -0.28
N GLY B 200 1.01 -16.39 -1.21
CA GLY B 200 -0.40 -16.39 -0.88
C GLY B 200 -0.79 -15.14 -0.10
N GLY B 201 -1.83 -15.29 0.72
CA GLY B 201 -2.43 -14.21 1.46
C GLY B 201 -3.79 -13.85 0.88
N TYR B 202 -4.28 -12.69 1.29
CA TYR B 202 -5.62 -12.23 0.96
C TYR B 202 -5.54 -10.75 0.66
N ASP B 203 -6.12 -10.32 -0.47
CA ASP B 203 -5.98 -8.94 -0.92
C ASP B 203 -7.22 -8.10 -0.68
N GLY B 204 -8.15 -8.57 0.16
CA GLY B 204 -9.41 -7.91 0.35
C GLY B 204 -10.56 -8.45 -0.50
N GLN B 205 -10.28 -9.36 -1.44
CA GLN B 205 -11.31 -9.95 -2.28
C GLN B 205 -11.10 -11.44 -2.47
N ASP B 206 -9.87 -11.87 -2.71
CA ASP B 206 -9.58 -13.27 -2.95
C ASP B 206 -8.38 -13.73 -2.13
N GLN B 207 -8.39 -14.99 -1.74
CA GLN B 207 -7.14 -15.63 -1.33
C GLN B 207 -6.25 -15.78 -2.56
N LEU B 208 -4.94 -15.81 -2.33
CA LEU B 208 -3.96 -15.83 -3.42
C LEU B 208 -3.16 -17.13 -3.44
N ASN B 209 -2.81 -17.58 -4.63
CA ASN B 209 -1.80 -18.62 -4.77
C ASN B 209 -0.50 -18.10 -5.38
N SER B 210 -0.47 -16.88 -5.90
CA SER B 210 0.77 -16.32 -6.43
C SER B 210 1.80 -16.19 -5.34
N VAL B 211 3.06 -16.26 -5.75
CA VAL B 211 4.22 -16.12 -4.88
C VAL B 211 5.17 -15.15 -5.57
N GLU B 212 5.74 -14.23 -4.80
CA GLU B 212 6.74 -13.34 -5.36
C GLU B 212 7.89 -13.23 -4.38
N ARG B 213 9.04 -12.79 -4.88
CA ARG B 213 10.24 -12.79 -4.06
C ARG B 213 11.03 -11.52 -4.32
N TYR B 214 11.69 -11.04 -3.27
CA TYR B 214 12.37 -9.76 -3.28
C TYR B 214 13.87 -10.00 -3.35
N ASP B 215 14.53 -9.34 -4.30
CA ASP B 215 15.96 -9.44 -4.48
C ASP B 215 16.57 -8.13 -4.00
N VAL B 216 17.40 -8.21 -2.95
CA VAL B 216 17.85 -6.99 -2.27
C VAL B 216 18.80 -6.20 -3.15
N GLU B 217 19.66 -6.88 -3.89
CA GLU B 217 20.68 -6.18 -4.68
C GLU B 217 20.05 -5.28 -5.74
N THR B 218 18.95 -5.72 -6.36
CA THR B 218 18.24 -4.94 -7.35
C THR B 218 16.96 -4.30 -6.81
N GLU B 219 16.65 -4.52 -5.53
CA GLU B 219 15.44 -4.04 -4.88
C GLU B 219 14.19 -4.26 -5.74
N THR B 220 14.01 -5.50 -6.19
CA THR B 220 12.93 -5.81 -7.13
C THR B 220 12.17 -7.04 -6.66
N TRP B 221 10.84 -7.01 -6.84
CA TRP B 221 9.98 -8.16 -6.58
C TRP B 221 9.65 -8.82 -7.91
N THR B 222 9.73 -10.15 -7.97
CA THR B 222 9.38 -10.89 -9.17
C THR B 222 8.53 -12.11 -8.78
N PHE B 223 7.50 -12.38 -9.58
CA PHE B 223 6.68 -13.57 -9.37
C PHE B 223 7.49 -14.83 -9.68
N VAL B 224 7.11 -15.92 -9.01
CA VAL B 224 7.62 -17.25 -9.29
C VAL B 224 6.41 -18.15 -9.49
N ALA B 225 6.61 -19.46 -9.52
CA ALA B 225 5.49 -20.37 -9.74
C ALA B 225 4.43 -20.22 -8.64
N PRO B 226 3.16 -20.11 -9.00
CA PRO B 226 2.11 -20.06 -7.98
C PRO B 226 1.85 -21.43 -7.36
N MET B 227 1.28 -21.40 -6.17
CA MET B 227 0.94 -22.62 -5.45
C MET B 227 -0.22 -23.34 -6.15
N LYS B 228 -0.44 -24.59 -5.75
CA LYS B 228 -1.62 -25.29 -6.21
C LYS B 228 -2.89 -24.64 -5.68
N HIS B 229 -2.95 -24.37 -4.37
CA HIS B 229 -4.18 -23.94 -3.72
C HIS B 229 -3.99 -22.56 -3.11
N ARG B 230 -4.89 -21.64 -3.47
CA ARG B 230 -4.93 -20.32 -2.83
C ARG B 230 -5.09 -20.48 -1.33
N ARG B 231 -4.38 -19.65 -0.56
CA ARG B 231 -4.43 -19.81 0.89
C ARG B 231 -3.96 -18.54 1.57
N SER B 232 -4.71 -18.09 2.57
CA SER B 232 -4.25 -17.06 3.50
C SER B 232 -4.20 -17.65 4.91
N ALA B 233 -3.50 -16.93 5.79
CA ALA B 233 -3.32 -17.35 7.17
C ALA B 233 -2.58 -18.70 7.23
N LEU B 234 -1.56 -18.84 6.39
CA LEU B 234 -0.80 -20.08 6.27
C LEU B 234 0.41 -20.07 7.18
N GLY B 235 0.91 -21.27 7.47
CA GLY B 235 2.20 -21.41 8.08
C GLY B 235 3.24 -21.61 7.00
N ILE B 236 4.47 -21.18 7.28
CA ILE B 236 5.51 -21.23 6.28
C ILE B 236 6.85 -21.44 6.97
N THR B 237 7.72 -22.22 6.33
CA THR B 237 9.07 -22.47 6.83
C THR B 237 9.90 -23.01 5.68
N VAL B 238 11.22 -22.94 5.84
CA VAL B 238 12.12 -23.44 4.82
C VAL B 238 12.94 -24.61 5.37
N HIS B 239 13.05 -25.66 4.56
CA HIS B 239 13.55 -26.96 4.98
C HIS B 239 14.51 -27.46 3.93
N GLN B 240 15.79 -27.57 4.30
CA GLN B 240 16.80 -28.13 3.41
C GLN B 240 16.67 -27.52 2.01
N GLY B 241 16.71 -26.19 1.94
CA GLY B 241 16.61 -25.50 0.67
C GLY B 241 15.28 -25.66 -0.04
N ARG B 242 14.25 -26.02 0.71
CA ARG B 242 12.88 -26.20 0.24
C ARG B 242 12.03 -25.23 1.04
N ILE B 243 10.89 -24.81 0.50
CA ILE B 243 9.92 -24.04 1.27
C ILE B 243 8.63 -24.83 1.34
N TYR B 244 8.09 -24.94 2.56
CA TYR B 244 6.87 -25.66 2.84
C TYR B 244 5.84 -24.66 3.35
N VAL B 245 4.61 -24.76 2.85
CA VAL B 245 3.49 -23.99 3.34
C VAL B 245 2.43 -24.96 3.86
N LEU B 246 1.83 -24.63 5.01
CA LEU B 246 1.00 -25.57 5.76
C LEU B 246 -0.35 -24.95 6.08
N GLY B 247 -1.42 -25.61 5.64
CA GLY B 247 -2.77 -25.23 6.01
C GLY B 247 -3.14 -23.82 5.56
N GLY B 248 -4.13 -23.25 6.23
CA GLY B 248 -4.64 -21.94 5.93
C GLY B 248 -6.10 -22.00 5.55
N TYR B 249 -6.63 -20.87 5.11
CA TYR B 249 -8.03 -20.72 4.77
C TYR B 249 -8.12 -20.19 3.35
N ASP B 250 -9.00 -20.76 2.53
CA ASP B 250 -9.11 -20.40 1.12
C ASP B 250 -10.41 -19.67 0.82
N GLY B 251 -11.05 -19.09 1.83
CA GLY B 251 -12.27 -18.37 1.63
C GLY B 251 -13.53 -19.13 2.01
N HIS B 252 -13.45 -20.46 2.11
CA HIS B 252 -14.55 -21.21 2.73
C HIS B 252 -14.13 -22.47 3.48
N THR B 253 -12.97 -23.07 3.22
CA THR B 253 -12.59 -24.28 3.93
C THR B 253 -11.18 -24.15 4.49
N PHE B 254 -10.95 -24.84 5.61
CA PHE B 254 -9.65 -24.87 6.27
C PHE B 254 -8.83 -26.01 5.67
N LEU B 255 -7.72 -25.65 5.05
CA LEU B 255 -6.91 -26.64 4.33
C LEU B 255 -6.05 -27.45 5.29
N ASP B 256 -5.91 -28.73 4.98
CA ASP B 256 -4.83 -29.54 5.55
C ASP B 256 -3.71 -29.78 4.56
N SER B 257 -3.88 -29.36 3.31
CA SER B 257 -2.84 -29.53 2.30
C SER B 257 -1.54 -28.84 2.72
N VAL B 258 -0.43 -29.53 2.53
CA VAL B 258 0.90 -28.96 2.71
C VAL B 258 1.59 -28.98 1.35
N GLU B 259 1.91 -27.80 0.82
CA GLU B 259 2.57 -27.68 -0.46
C GLU B 259 4.05 -27.40 -0.27
N CYS B 260 4.84 -27.73 -1.29
CA CYS B 260 6.28 -27.65 -1.21
C CYS B 260 6.87 -27.10 -2.50
N TYR B 261 7.74 -26.11 -2.37
CA TYR B 261 8.32 -25.41 -3.51
C TYR B 261 9.80 -25.74 -3.61
N ASP B 262 10.20 -26.29 -4.77
CA ASP B 262 11.61 -26.49 -5.06
C ASP B 262 12.09 -25.37 -5.97
N PRO B 263 13.07 -24.57 -5.56
CA PRO B 263 13.45 -23.41 -6.39
C PRO B 263 14.13 -23.80 -7.68
N ASP B 264 14.86 -24.91 -7.70
CA ASP B 264 15.63 -25.25 -8.89
C ASP B 264 14.74 -25.64 -10.05
N THR B 265 13.58 -26.21 -9.76
CA THR B 265 12.59 -26.40 -10.79
C THR B 265 11.60 -25.25 -10.90
N ASP B 266 11.54 -24.40 -9.87
CA ASP B 266 10.48 -23.41 -9.72
C ASP B 266 9.11 -24.05 -9.94
N THR B 267 8.75 -24.99 -9.06
CA THR B 267 7.43 -25.61 -9.12
C THR B 267 7.00 -26.05 -7.72
N TRP B 268 5.68 -26.00 -7.52
CA TRP B 268 5.02 -26.35 -6.27
C TRP B 268 4.43 -27.75 -6.40
N SER B 269 4.60 -28.57 -5.37
CA SER B 269 4.08 -29.93 -5.38
C SER B 269 3.38 -30.24 -4.06
N GLU B 270 2.29 -30.99 -4.16
CA GLU B 270 1.53 -31.42 -2.98
C GLU B 270 2.32 -32.49 -2.25
N VAL B 271 2.77 -32.17 -1.04
CA VAL B 271 3.65 -33.06 -0.31
C VAL B 271 2.94 -33.81 0.81
N THR B 272 1.93 -33.23 1.43
CA THR B 272 1.33 -33.87 2.60
C THR B 272 -0.08 -33.30 2.80
N ARG B 273 -0.86 -34.00 3.62
CA ARG B 273 -2.03 -33.47 4.29
C ARG B 273 -1.72 -33.38 5.78
N MET B 274 -2.06 -32.26 6.41
CA MET B 274 -1.99 -32.21 7.87
C MET B 274 -3.00 -33.18 8.48
N THR B 275 -2.82 -33.50 9.76
CA THR B 275 -3.76 -34.40 10.41
C THR B 275 -5.16 -33.80 10.47
N SER B 276 -5.27 -32.47 10.49
CA SER B 276 -6.55 -31.80 10.37
C SER B 276 -6.35 -30.40 9.82
N GLY B 277 -7.29 -29.94 9.01
CA GLY B 277 -7.18 -28.61 8.44
C GLY B 277 -7.27 -27.54 9.50
N ARG B 278 -6.52 -26.46 9.29
CA ARG B 278 -6.46 -25.37 10.25
C ARG B 278 -5.80 -24.16 9.60
N SER B 279 -6.00 -22.99 10.22
CA SER B 279 -5.39 -21.75 9.78
C SER B 279 -4.67 -21.11 10.96
N GLY B 280 -3.88 -20.08 10.66
CA GLY B 280 -3.27 -19.24 11.68
C GLY B 280 -2.29 -19.94 12.60
N VAL B 281 -1.47 -20.85 12.06
CA VAL B 281 -0.54 -21.61 12.89
C VAL B 281 0.76 -20.85 13.03
N GLY B 282 1.57 -21.30 13.99
CA GLY B 282 2.98 -20.92 14.07
C GLY B 282 3.82 -22.09 13.60
N VAL B 283 4.87 -21.79 12.84
CA VAL B 283 5.69 -22.82 12.21
C VAL B 283 7.16 -22.46 12.36
N ALA B 284 8.00 -23.48 12.57
CA ALA B 284 9.44 -23.32 12.69
C ALA B 284 10.09 -24.70 12.56
N VAL B 285 11.42 -24.69 12.48
CA VAL B 285 12.21 -25.89 12.23
C VAL B 285 13.34 -25.93 13.25
N THR B 286 13.52 -27.10 13.86
CA THR B 286 14.67 -27.38 14.74
C THR B 286 14.88 -28.88 14.84
N GLY C 2 -16.47 -17.09 9.19
CA GLY C 2 -16.36 -15.78 9.78
C GLY C 2 -15.45 -14.84 9.03
N ASP C 3 -14.31 -14.57 9.65
CA ASP C 3 -13.30 -13.67 9.10
C ASP C 3 -12.90 -14.09 7.69
N GLU C 4 -13.06 -13.16 6.75
CA GLU C 4 -12.70 -13.39 5.36
C GLU C 4 -11.29 -13.94 5.20
N GLU C 5 -10.36 -13.52 6.06
CA GLU C 5 -8.96 -13.80 5.86
C GLU C 5 -8.49 -15.05 6.59
N THR C 6 -8.90 -15.23 7.85
CA THR C 6 -8.45 -16.33 8.68
C THR C 6 -9.48 -17.43 8.84
N GLY C 7 -10.75 -17.16 8.52
CA GLY C 7 -11.80 -18.12 8.75
C GLY C 7 -12.36 -18.16 10.16
N GLU C 8 -11.72 -17.51 11.13
CA GLU C 8 -12.21 -17.51 12.51
C GLU C 8 -13.54 -16.74 12.67
#